data_1EFN
#
_entry.id   1EFN
#
_cell.length_a   107.800
_cell.length_b   107.800
_cell.length_c   229.100
_cell.angle_alpha   90.00
_cell.angle_beta   90.00
_cell.angle_gamma   120.00
#
_symmetry.space_group_name_H-M   'P 65 2 2'
#
loop_
_entity.id
_entity.type
_entity.pdbx_description
1 polymer 'FYN TYROSINE KINASE'
2 polymer 'HIV-1 NEF PROTEIN'
3 non-polymer 'TRIMETHYL LEAD ION'
4 water water
#
loop_
_entity_poly.entity_id
_entity_poly.type
_entity_poly.pdbx_seq_one_letter_code
_entity_poly.pdbx_strand_id
1 'polypeptide(L)' ALFVALYDYEAITEDDLSFHKGEKFQILNSSEGDWWEARSLTTGETGYIPSNYVAPVDS A,C
2 'polypeptide(L)'
;ACAWLEAQEEEEVGFPVRPQVPLRPMTYKAAVDLSHFLKEKGGLEGLIHSQRRQDILDLWIYHTQGYFPDWQNYTPGPGV
RYPLTFGWCYKLVPVEPDKVEEANKGENTSLLHPVSLHGMDDPEREVLEWRFDSRLAFHHVARELHPEYFKN
;
B,D
#
loop_
_chem_comp.id
_chem_comp.type
_chem_comp.name
_chem_comp.formula
PBM non-polymer 'TRIMETHYL LEAD ION' 'C3 H9 Pb 1'
#
# COMPACT_ATOMS: atom_id res chain seq x y z
N ALA A 1 -3.97 5.43 34.02
CA ALA A 1 -5.22 4.66 33.89
C ALA A 1 -5.00 3.35 33.15
N LEU A 2 -6.08 2.58 33.01
CA LEU A 2 -6.05 1.30 32.34
C LEU A 2 -6.70 1.36 30.95
N PHE A 3 -6.17 0.58 30.02
CA PHE A 3 -6.68 0.52 28.65
C PHE A 3 -6.89 -0.95 28.34
N VAL A 4 -7.69 -1.22 27.32
CA VAL A 4 -8.01 -2.58 26.88
C VAL A 4 -7.87 -2.71 25.36
N ALA A 5 -7.55 -3.91 24.89
CA ALA A 5 -7.36 -4.19 23.47
C ALA A 5 -8.66 -4.44 22.71
N LEU A 6 -8.84 -3.71 21.62
CA LEU A 6 -10.03 -3.85 20.78
C LEU A 6 -9.81 -4.98 19.77
N TYR A 7 -8.55 -5.19 19.40
CA TYR A 7 -8.18 -6.22 18.44
C TYR A 7 -6.89 -6.85 18.94
N ASP A 8 -6.46 -7.92 18.28
CA ASP A 8 -5.21 -8.57 18.65
C ASP A 8 -4.06 -7.76 18.05
N TYR A 9 -2.85 -8.23 18.28
CA TYR A 9 -1.64 -7.64 17.72
C TYR A 9 -0.61 -8.74 17.72
N GLU A 10 0.40 -8.61 16.89
CA GLU A 10 1.41 -9.64 16.77
C GLU A 10 2.69 -8.90 16.54
N ALA A 11 3.50 -8.74 17.57
CA ALA A 11 4.74 -7.99 17.42
C ALA A 11 5.81 -8.73 16.63
N ILE A 12 6.74 -7.97 16.05
CA ILE A 12 7.84 -8.53 15.28
C ILE A 12 9.09 -8.50 16.15
N THR A 13 8.93 -8.11 17.40
CA THR A 13 10.04 -8.01 18.32
C THR A 13 9.58 -8.11 19.76
N GLU A 14 10.53 -8.38 20.64
CA GLU A 14 10.23 -8.49 22.05
C GLU A 14 10.08 -7.10 22.68
N ASP A 15 10.56 -6.08 21.98
CA ASP A 15 10.47 -4.70 22.46
C ASP A 15 9.10 -4.11 22.27
N ASP A 16 8.25 -4.84 21.53
CA ASP A 16 6.88 -4.43 21.29
C ASP A 16 6.08 -5.42 22.08
N LEU A 17 4.77 -5.23 22.14
CA LEU A 17 3.95 -6.11 22.93
C LEU A 17 2.82 -6.80 22.16
N SER A 18 2.92 -8.12 22.01
CA SER A 18 1.86 -8.86 21.34
C SER A 18 0.71 -8.93 22.31
N PHE A 19 -0.48 -9.29 21.84
CA PHE A 19 -1.64 -9.41 22.71
C PHE A 19 -2.85 -9.97 22.00
N HIS A 20 -3.96 -10.05 22.72
CA HIS A 20 -5.21 -10.55 22.17
C HIS A 20 -6.32 -9.56 22.48
N LYS A 21 -7.48 -9.72 21.85
CA LYS A 21 -8.59 -8.81 22.06
C LYS A 21 -9.06 -8.86 23.48
N GLY A 22 -9.15 -7.70 24.11
CA GLY A 22 -9.63 -7.64 25.49
C GLY A 22 -8.54 -7.56 26.53
N GLU A 23 -7.29 -7.77 26.14
CA GLU A 23 -6.19 -7.71 27.08
C GLU A 23 -6.15 -6.30 27.66
N LYS A 24 -5.93 -6.21 28.97
CA LYS A 24 -5.86 -4.92 29.65
C LYS A 24 -4.40 -4.43 29.66
N PHE A 25 -4.21 -3.13 29.78
CA PHE A 25 -2.87 -2.55 29.75
C PHE A 25 -2.75 -1.36 30.68
N GLN A 26 -1.52 -1.07 31.08
CA GLN A 26 -1.23 0.08 31.91
C GLN A 26 -0.26 0.86 31.04
N ILE A 27 -0.70 2.01 30.54
CA ILE A 27 0.15 2.79 29.66
C ILE A 27 1.30 3.46 30.40
N LEU A 28 2.49 2.88 30.25
CA LEU A 28 3.69 3.38 30.91
C LEU A 28 4.27 4.64 30.24
N ASN A 29 3.69 5.01 29.09
CA ASN A 29 4.11 6.20 28.35
C ASN A 29 3.32 6.34 27.06
N SER A 30 2.90 7.57 26.77
CA SER A 30 2.15 7.86 25.54
C SER A 30 2.53 9.23 25.00
N SER A 31 3.59 9.81 25.54
CA SER A 31 4.08 11.11 25.12
C SER A 31 5.25 10.97 24.15
N GLU A 32 5.60 9.74 23.80
CA GLU A 32 6.68 9.47 22.87
C GLU A 32 6.14 9.60 21.43
N GLY A 33 4.92 9.10 21.22
CA GLY A 33 4.30 9.14 19.92
C GLY A 33 3.04 8.29 19.88
N ASP A 34 2.70 7.77 18.70
CA ASP A 34 1.50 6.95 18.56
C ASP A 34 1.67 5.46 18.89
N TRP A 35 2.91 5.03 19.08
CA TRP A 35 3.17 3.65 19.47
C TRP A 35 3.54 3.77 20.95
N TRP A 36 2.61 3.42 21.82
CA TRP A 36 2.81 3.55 23.26
C TRP A 36 3.52 2.39 23.93
N GLU A 37 4.22 2.68 25.02
CA GLU A 37 4.91 1.66 25.80
C GLU A 37 3.88 1.34 26.86
N ALA A 38 3.62 0.07 27.11
CA ALA A 38 2.64 -0.29 28.11
C ALA A 38 2.95 -1.65 28.74
N ARG A 39 2.24 -1.96 29.81
CA ARG A 39 2.42 -3.24 30.50
C ARG A 39 1.14 -4.05 30.45
N SER A 40 1.24 -5.27 29.93
CA SER A 40 0.09 -6.14 29.85
C SER A 40 -0.26 -6.59 31.25
N LEU A 41 -1.46 -6.25 31.71
CA LEU A 41 -1.90 -6.69 33.04
C LEU A 41 -2.03 -8.21 32.96
N THR A 42 -2.51 -8.69 31.82
CA THR A 42 -2.72 -10.12 31.63
C THR A 42 -1.47 -10.97 31.45
N THR A 43 -0.28 -10.39 31.61
CA THR A 43 0.97 -11.16 31.48
C THR A 43 2.08 -10.57 32.32
N GLY A 44 2.02 -9.26 32.52
CA GLY A 44 3.05 -8.60 33.30
C GLY A 44 4.26 -8.40 32.44
N GLU A 45 4.03 -7.90 31.24
CA GLU A 45 5.09 -7.64 30.28
C GLU A 45 4.95 -6.24 29.69
N THR A 46 6.07 -5.60 29.40
CA THR A 46 6.02 -4.26 28.82
C THR A 46 6.59 -4.27 27.42
N GLY A 47 6.02 -3.43 26.58
CA GLY A 47 6.47 -3.32 25.20
C GLY A 47 5.59 -2.29 24.53
N TYR A 48 5.99 -1.86 23.34
CA TYR A 48 5.22 -0.88 22.63
C TYR A 48 3.99 -1.51 22.01
N ILE A 49 2.98 -0.68 21.79
CA ILE A 49 1.74 -1.15 21.21
C ILE A 49 1.13 -0.08 20.31
N PRO A 50 0.33 -0.49 19.31
CA PRO A 50 -0.28 0.49 18.41
C PRO A 50 -1.38 1.13 19.26
N SER A 51 -1.26 2.41 19.56
CA SER A 51 -2.27 3.07 20.37
C SER A 51 -3.70 2.83 19.88
N ASN A 52 -3.89 2.83 18.57
CA ASN A 52 -5.23 2.64 17.99
C ASN A 52 -5.82 1.24 18.08
N TYR A 53 -5.10 0.32 18.70
CA TYR A 53 -5.60 -1.04 18.85
C TYR A 53 -6.22 -1.20 20.22
N VAL A 54 -5.87 -0.30 21.12
CA VAL A 54 -6.37 -0.33 22.48
C VAL A 54 -7.23 0.90 22.79
N ALA A 55 -8.28 0.71 23.60
CA ALA A 55 -9.16 1.81 24.00
C ALA A 55 -9.22 1.79 25.53
N PRO A 56 -9.63 2.92 26.14
CA PRO A 56 -9.73 3.00 27.60
C PRO A 56 -10.63 1.88 28.15
N VAL A 57 -10.24 1.32 29.29
CA VAL A 57 -10.99 0.22 29.89
C VAL A 57 -12.40 0.66 30.29
N ARG B 18 -9.85 -4.13 12.13
CA ARG B 18 -8.45 -4.14 12.56
C ARG B 18 -7.74 -3.05 11.80
N PRO B 19 -7.67 -1.86 12.41
CA PRO B 19 -7.06 -0.65 11.88
C PRO B 19 -5.65 -0.84 11.31
N GLN B 20 -5.27 0.10 10.46
CA GLN B 20 -3.95 0.05 9.91
C GLN B 20 -3.17 0.68 11.06
N VAL B 21 -2.23 -0.10 11.58
CA VAL B 21 -1.35 0.29 12.68
C VAL B 21 -0.72 1.65 12.44
N PRO B 22 -0.35 2.35 13.51
CA PRO B 22 0.27 3.68 13.32
C PRO B 22 1.56 3.59 12.50
N LEU B 23 1.86 4.62 11.72
CA LEU B 23 3.08 4.59 10.94
C LEU B 23 4.24 4.66 11.93
N ARG B 24 5.39 4.13 11.54
CA ARG B 24 6.60 4.18 12.36
C ARG B 24 7.76 3.96 11.44
N PRO B 25 8.79 4.81 11.55
CA PRO B 25 10.01 4.75 10.74
C PRO B 25 10.79 3.44 10.76
N MET B 26 11.40 3.14 9.62
CA MET B 26 12.20 1.94 9.47
C MET B 26 13.55 2.27 10.12
N THR B 27 14.19 1.29 10.71
CA THR B 27 15.47 1.53 11.34
C THR B 27 16.21 0.22 11.19
N TYR B 28 17.54 0.27 11.29
CA TYR B 28 18.36 -0.94 11.18
C TYR B 28 17.69 -2.01 12.01
N LYS B 29 17.44 -1.70 13.27
CA LYS B 29 16.81 -2.66 14.13
C LYS B 29 15.49 -3.17 13.60
N ALA B 30 14.64 -2.29 13.08
CA ALA B 30 13.35 -2.78 12.57
C ALA B 30 13.54 -3.68 11.35
N ALA B 31 14.53 -3.38 10.50
CA ALA B 31 14.76 -4.21 9.33
C ALA B 31 15.25 -5.57 9.78
N VAL B 32 16.20 -5.57 10.73
CA VAL B 32 16.73 -6.84 11.29
C VAL B 32 15.62 -7.63 11.98
N ASP B 33 14.76 -6.94 12.72
CA ASP B 33 13.67 -7.62 13.37
C ASP B 33 12.70 -8.22 12.37
N LEU B 34 12.34 -7.49 11.30
CA LEU B 34 11.42 -8.01 10.31
C LEU B 34 11.98 -9.24 9.63
N SER B 35 13.29 -9.23 9.35
CA SER B 35 13.94 -10.37 8.68
C SER B 35 13.73 -11.65 9.47
N HIS B 36 14.03 -11.60 10.76
CA HIS B 36 13.90 -12.79 11.59
C HIS B 36 12.44 -13.13 11.80
N PHE B 37 11.60 -12.10 11.80
CA PHE B 37 10.17 -12.32 11.98
C PHE B 37 9.63 -13.12 10.81
N LEU B 38 9.90 -12.65 9.58
CA LEU B 38 9.45 -13.31 8.36
C LEU B 38 10.14 -14.65 8.17
N LYS B 39 11.30 -14.81 8.78
CA LYS B 39 12.00 -16.08 8.68
C LYS B 39 11.25 -17.07 9.59
N GLU B 40 10.84 -16.61 10.77
CA GLU B 40 10.08 -17.43 11.71
C GLU B 40 8.86 -17.93 10.94
N LYS B 41 8.06 -16.99 10.43
CA LYS B 41 6.86 -17.32 9.64
C LYS B 41 7.36 -17.69 8.26
N GLY B 42 8.27 -18.68 8.21
CA GLY B 42 8.88 -19.13 6.97
C GLY B 42 7.99 -19.09 5.74
N GLY B 43 8.53 -18.61 4.62
CA GLY B 43 7.74 -18.53 3.41
C GLY B 43 8.43 -17.81 2.26
N LEU B 44 9.28 -16.84 2.57
CA LEU B 44 10.00 -16.10 1.54
C LEU B 44 11.16 -16.88 0.97
N GLU B 45 11.69 -17.78 1.77
CA GLU B 45 12.85 -18.56 1.37
C GLU B 45 12.68 -19.25 0.05
N GLY B 46 13.53 -18.89 -0.90
CA GLY B 46 13.43 -19.50 -2.20
C GLY B 46 12.19 -19.09 -2.96
N LEU B 47 11.21 -18.49 -2.29
CA LEU B 47 9.98 -18.05 -2.97
C LEU B 47 10.39 -17.24 -4.19
N ILE B 48 9.79 -17.52 -5.33
CA ILE B 48 10.14 -16.81 -6.55
C ILE B 48 9.69 -15.36 -6.44
N HIS B 49 10.62 -14.45 -6.64
CA HIS B 49 10.30 -13.04 -6.56
C HIS B 49 9.39 -12.65 -7.68
N SER B 50 8.61 -11.60 -7.43
CA SER B 50 7.66 -11.01 -8.34
C SER B 50 7.34 -9.65 -7.73
N GLN B 51 7.49 -8.58 -8.49
CA GLN B 51 7.19 -7.26 -7.95
C GLN B 51 5.83 -7.26 -7.25
N ARG B 52 4.87 -7.96 -7.83
CA ARG B 52 3.55 -8.04 -7.26
C ARG B 52 3.59 -8.76 -5.92
N ARG B 53 4.29 -9.90 -5.90
CA ARG B 53 4.41 -10.69 -4.68
C ARG B 53 5.02 -9.83 -3.58
N GLN B 54 6.01 -9.03 -3.95
CA GLN B 54 6.67 -8.17 -3.00
C GLN B 54 5.82 -6.99 -2.59
N ASP B 55 5.15 -6.36 -3.56
CA ASP B 55 4.27 -5.20 -3.29
C ASP B 55 3.20 -5.63 -2.31
N ILE B 56 2.73 -6.87 -2.46
CA ILE B 56 1.73 -7.42 -1.58
C ILE B 56 2.34 -7.55 -0.17
N LEU B 57 3.56 -8.09 -0.11
CA LEU B 57 4.29 -8.28 1.13
C LEU B 57 4.45 -6.94 1.84
N ASP B 58 4.92 -5.94 1.12
CA ASP B 58 5.14 -4.63 1.71
C ASP B 58 3.90 -3.95 2.23
N LEU B 59 2.79 -4.14 1.53
CA LEU B 59 1.54 -3.53 1.95
C LEU B 59 1.08 -4.21 3.21
N TRP B 60 1.28 -5.52 3.30
CA TRP B 60 0.89 -6.27 4.49
C TRP B 60 1.65 -5.73 5.72
N ILE B 61 2.96 -5.54 5.59
CA ILE B 61 3.80 -5.03 6.68
C ILE B 61 3.41 -3.59 7.03
N TYR B 62 3.01 -2.81 6.03
CA TYR B 62 2.59 -1.44 6.23
C TYR B 62 1.35 -1.39 7.14
N HIS B 63 0.31 -2.16 6.79
CA HIS B 63 -0.92 -2.21 7.56
C HIS B 63 -0.70 -2.81 8.93
N THR B 64 -0.02 -3.96 8.91
CA THR B 64 0.32 -4.77 10.08
C THR B 64 1.28 -4.16 11.09
N GLN B 65 2.44 -3.72 10.62
CA GLN B 65 3.46 -3.14 11.47
C GLN B 65 3.72 -1.64 11.34
N GLY B 66 3.23 -0.99 10.29
CA GLY B 66 3.40 0.46 10.22
C GLY B 66 4.61 1.03 9.51
N TYR B 67 5.30 0.19 8.75
CA TYR B 67 6.47 0.64 8.02
C TYR B 67 6.03 1.00 6.61
N PHE B 68 6.11 2.30 6.29
CA PHE B 68 5.73 2.79 4.98
C PHE B 68 6.45 1.94 3.94
N PRO B 69 5.70 1.36 3.00
CA PRO B 69 6.25 0.52 1.93
C PRO B 69 7.18 1.20 0.95
N ASP B 70 8.39 1.50 1.37
CA ASP B 70 9.37 2.12 0.47
C ASP B 70 10.78 1.75 0.91
N TRP B 71 10.87 0.71 1.72
CA TRP B 71 12.13 0.27 2.25
C TRP B 71 12.77 -0.89 1.48
N GLN B 72 12.00 -1.92 1.19
CA GLN B 72 12.50 -3.10 0.51
C GLN B 72 12.85 -2.90 -0.95
N ASN B 73 13.83 -2.04 -1.22
CA ASN B 73 14.30 -1.77 -2.58
C ASN B 73 15.61 -2.53 -2.80
N TYR B 74 15.76 -3.14 -3.96
CA TYR B 74 16.96 -3.90 -4.24
C TYR B 74 17.85 -3.25 -5.31
N THR B 75 19.12 -3.61 -5.34
CA THR B 75 20.03 -3.06 -6.32
C THR B 75 19.64 -3.60 -7.67
N PRO B 76 20.19 -3.00 -8.75
CA PRO B 76 19.93 -3.39 -10.14
C PRO B 76 20.37 -4.81 -10.42
N GLY B 77 20.01 -5.30 -11.60
CA GLY B 77 20.46 -6.61 -12.01
C GLY B 77 21.66 -6.36 -12.92
N PRO B 78 22.22 -7.42 -13.53
CA PRO B 78 21.72 -8.79 -13.34
C PRO B 78 22.51 -9.43 -12.20
N GLY B 79 22.09 -10.61 -11.76
CA GLY B 79 22.79 -11.29 -10.70
C GLY B 79 22.01 -11.22 -9.41
N VAL B 80 22.72 -11.18 -8.29
CA VAL B 80 22.08 -11.10 -6.99
C VAL B 80 21.72 -9.65 -6.81
N ARG B 81 20.51 -9.40 -6.30
CA ARG B 81 20.06 -8.02 -6.05
C ARG B 81 20.09 -7.82 -4.55
N TYR B 82 20.94 -6.92 -4.10
CA TYR B 82 21.11 -6.68 -2.67
C TYR B 82 20.16 -5.63 -2.14
N PRO B 83 19.66 -5.82 -0.91
CA PRO B 83 18.74 -4.89 -0.24
C PRO B 83 19.40 -3.58 0.07
N LEU B 84 18.73 -2.48 -0.23
CA LEU B 84 19.27 -1.16 -0.01
C LEU B 84 19.16 -0.72 1.45
N THR B 85 18.16 -1.22 2.16
CA THR B 85 17.96 -0.88 3.58
C THR B 85 18.89 -1.77 4.41
N PHE B 86 19.84 -1.17 5.10
CA PHE B 86 20.76 -1.95 5.92
C PHE B 86 19.95 -2.54 7.04
N GLY B 87 20.07 -3.85 7.22
CA GLY B 87 19.33 -4.54 8.26
C GLY B 87 18.46 -5.59 7.62
N TRP B 88 17.96 -5.31 6.44
CA TRP B 88 17.09 -6.26 5.72
C TRP B 88 17.97 -7.40 5.24
N CYS B 89 17.75 -8.57 5.83
CA CYS B 89 18.56 -9.74 5.51
C CYS B 89 18.04 -10.62 4.39
N TYR B 90 17.55 -10.02 3.32
CA TYR B 90 17.11 -10.78 2.17
C TYR B 90 17.67 -10.15 0.92
N LYS B 91 17.98 -11.00 -0.04
CA LYS B 91 18.49 -10.56 -1.32
C LYS B 91 17.77 -11.42 -2.34
N LEU B 92 17.81 -10.97 -3.59
CA LEU B 92 17.18 -11.70 -4.66
C LEU B 92 18.27 -12.41 -5.44
N VAL B 93 18.16 -13.73 -5.48
CA VAL B 93 19.13 -14.60 -6.13
C VAL B 93 18.54 -15.35 -7.34
N PRO B 94 19.18 -15.18 -8.51
CA PRO B 94 18.81 -15.78 -9.80
C PRO B 94 18.51 -17.28 -9.78
N VAL B 95 17.41 -17.61 -10.45
CA VAL B 95 16.89 -18.96 -10.56
C VAL B 95 16.32 -19.41 -9.24
N ARG B 125 13.11 -12.14 -18.27
CA ARG B 125 14.53 -11.99 -17.95
C ARG B 125 14.92 -12.93 -16.82
N GLU B 126 15.86 -12.49 -15.99
CA GLU B 126 16.38 -13.26 -14.86
C GLU B 126 15.28 -13.51 -13.84
N VAL B 127 15.06 -14.78 -13.51
CA VAL B 127 14.07 -15.21 -12.51
C VAL B 127 14.77 -15.16 -11.16
N LEU B 128 14.16 -14.52 -10.17
CA LEU B 128 14.78 -14.38 -8.87
C LEU B 128 13.99 -14.97 -7.72
N GLU B 129 14.68 -15.18 -6.59
CA GLU B 129 14.06 -15.70 -5.37
C GLU B 129 14.57 -14.91 -4.19
N TRP B 130 13.81 -14.98 -3.10
CA TRP B 130 14.15 -14.33 -1.85
C TRP B 130 15.08 -15.29 -1.09
N ARG B 131 16.31 -14.83 -0.81
CA ARG B 131 17.30 -15.63 -0.10
C ARG B 131 17.76 -14.90 1.14
N PHE B 132 17.58 -15.51 2.30
CA PHE B 132 17.99 -14.91 3.55
C PHE B 132 19.49 -14.98 3.66
N ASP B 133 20.15 -13.84 3.79
CA ASP B 133 21.60 -13.85 3.95
C ASP B 133 21.96 -13.03 5.16
N SER B 134 21.95 -13.71 6.29
CA SER B 134 22.29 -13.22 7.62
C SER B 134 23.39 -12.14 7.70
N ARG B 135 24.41 -12.21 6.85
CA ARG B 135 25.48 -11.23 6.94
C ARG B 135 25.16 -9.86 6.36
N LEU B 136 23.99 -9.74 5.77
CA LEU B 136 23.56 -8.48 5.23
C LEU B 136 23.30 -7.50 6.39
N ALA B 137 23.19 -8.02 7.60
CA ALA B 137 22.97 -7.15 8.77
C ALA B 137 24.30 -6.61 9.27
N PHE B 138 25.40 -7.15 8.75
CA PHE B 138 26.71 -6.72 9.17
C PHE B 138 27.48 -6.08 8.04
N HIS B 139 26.97 -6.22 6.82
CA HIS B 139 27.60 -5.68 5.62
C HIS B 139 26.62 -5.01 4.68
N HIS B 140 26.74 -3.69 4.55
CA HIS B 140 25.85 -3.00 3.63
C HIS B 140 26.35 -3.18 2.19
N VAL B 141 26.18 -4.38 1.65
CA VAL B 141 26.66 -4.65 0.29
C VAL B 141 26.14 -3.66 -0.72
N ALA B 142 24.83 -3.44 -0.73
CA ALA B 142 24.18 -2.51 -1.67
C ALA B 142 24.86 -1.18 -1.74
N ARG B 143 25.29 -0.66 -0.59
CA ARG B 143 25.95 0.63 -0.54
C ARG B 143 27.38 0.51 -1.05
N GLU B 144 27.98 -0.65 -0.87
CA GLU B 144 29.35 -0.88 -1.32
C GLU B 144 29.38 -0.84 -2.83
N LEU B 145 28.54 -1.68 -3.43
CA LEU B 145 28.42 -1.83 -4.87
C LEU B 145 27.63 -0.77 -5.61
N HIS B 146 26.72 -0.08 -4.94
CA HIS B 146 25.89 0.94 -5.59
C HIS B 146 25.68 2.16 -4.74
N PRO B 147 26.76 2.87 -4.45
CA PRO B 147 26.63 4.08 -3.62
C PRO B 147 25.74 5.13 -4.25
N GLU B 148 25.48 5.03 -5.55
CA GLU B 148 24.63 6.02 -6.22
C GLU B 148 23.24 6.16 -5.57
N TYR B 149 22.74 5.09 -4.95
CA TYR B 149 21.44 5.17 -4.29
C TYR B 149 21.58 5.81 -2.91
N PHE B 150 22.80 6.19 -2.54
CA PHE B 150 23.06 6.83 -1.25
C PHE B 150 23.95 8.06 -1.50
N ALA C 1 -32.56 -12.68 -3.93
CA ALA C 1 -31.53 -12.42 -2.92
C ALA C 1 -31.06 -10.98 -2.96
N LEU C 2 -31.65 -10.14 -2.12
CA LEU C 2 -31.24 -8.75 -2.07
C LEU C 2 -30.03 -8.67 -1.14
N PHE C 3 -29.33 -7.54 -1.18
CA PHE C 3 -28.16 -7.31 -0.35
C PHE C 3 -28.31 -5.94 0.30
N VAL C 4 -27.62 -5.69 1.40
CA VAL C 4 -27.70 -4.41 2.08
C VAL C 4 -26.29 -3.87 2.33
N ALA C 5 -26.13 -2.57 2.14
CA ALA C 5 -24.86 -1.90 2.32
C ALA C 5 -24.47 -1.73 3.78
N LEU C 6 -23.39 -2.40 4.20
CA LEU C 6 -22.92 -2.31 5.59
C LEU C 6 -22.13 -1.04 5.90
N TYR C 7 -21.68 -0.32 4.88
CA TYR C 7 -20.91 0.91 5.07
C TYR C 7 -21.29 1.86 3.94
N ASP C 8 -20.78 3.08 3.96
CA ASP C 8 -21.06 4.05 2.90
C ASP C 8 -19.95 3.92 1.89
N TYR C 9 -20.24 4.24 0.64
CA TYR C 9 -19.24 4.19 -0.41
C TYR C 9 -19.50 5.34 -1.38
N GLU C 10 -18.45 6.10 -1.65
CA GLU C 10 -18.55 7.24 -2.56
C GLU C 10 -17.63 6.98 -3.73
N ALA C 11 -18.25 6.74 -4.87
CA ALA C 11 -17.54 6.45 -6.09
C ALA C 11 -16.84 7.71 -6.57
N ILE C 12 -15.78 7.51 -7.34
CA ILE C 12 -15.07 8.61 -7.93
C ILE C 12 -15.17 8.34 -9.41
N THR C 13 -15.08 7.07 -9.76
CA THR C 13 -15.21 6.69 -11.14
C THR C 13 -16.69 6.76 -11.48
N GLU C 14 -17.03 6.64 -12.76
CA GLU C 14 -18.41 6.73 -13.21
C GLU C 14 -19.18 5.42 -13.16
N ASP C 15 -18.46 4.32 -13.34
CA ASP C 15 -19.08 3.02 -13.31
C ASP C 15 -19.32 2.48 -11.92
N ASP C 16 -18.81 3.15 -10.90
CA ASP C 16 -19.05 2.70 -9.54
C ASP C 16 -20.40 3.26 -9.10
N LEU C 17 -21.02 2.60 -8.14
CA LEU C 17 -22.29 3.01 -7.62
C LEU C 17 -22.09 3.49 -6.19
N SER C 18 -22.33 4.78 -5.93
CA SER C 18 -22.20 5.28 -4.58
C SER C 18 -23.43 4.84 -3.83
N PHE C 19 -23.32 4.70 -2.51
CA PHE C 19 -24.45 4.27 -1.72
C PHE C 19 -24.19 4.53 -0.24
N HIS C 20 -25.25 4.44 0.55
CA HIS C 20 -25.14 4.65 1.98
C HIS C 20 -25.47 3.37 2.71
N LYS C 21 -25.01 3.28 3.95
CA LYS C 21 -25.26 2.11 4.77
C LYS C 21 -26.76 1.89 4.76
N GLY C 22 -27.18 0.64 4.76
CA GLY C 22 -28.60 0.37 4.75
C GLY C 22 -29.24 0.32 3.38
N GLU C 23 -28.61 0.90 2.36
CA GLU C 23 -29.21 0.84 1.05
C GLU C 23 -29.25 -0.61 0.61
N LYS C 24 -30.25 -0.97 -0.18
CA LYS C 24 -30.36 -2.35 -0.63
C LYS C 24 -30.12 -2.50 -2.12
N PHE C 25 -29.52 -3.63 -2.49
CA PHE C 25 -29.17 -3.88 -3.88
C PHE C 25 -29.64 -5.22 -4.40
N GLN C 26 -29.60 -5.34 -5.71
CA GLN C 26 -29.93 -6.58 -6.38
C GLN C 26 -28.71 -6.73 -7.27
N ILE C 27 -27.96 -7.81 -7.11
CA ILE C 27 -26.74 -8.02 -7.89
C ILE C 27 -27.00 -8.54 -9.30
N LEU C 28 -26.41 -7.88 -10.27
CA LEU C 28 -26.60 -8.29 -11.66
C LEU C 28 -25.46 -9.18 -12.15
N ASN C 29 -24.25 -8.90 -11.67
CA ASN C 29 -23.10 -9.68 -12.05
C ASN C 29 -22.14 -9.81 -10.88
N SER C 30 -21.68 -11.02 -10.62
CA SER C 30 -20.78 -11.25 -9.49
C SER C 30 -19.71 -12.28 -9.79
N SER C 31 -19.64 -12.72 -11.04
CA SER C 31 -18.67 -13.71 -11.47
C SER C 31 -17.42 -13.09 -12.09
N GLU C 32 -17.53 -11.81 -12.42
CA GLU C 32 -16.46 -11.04 -13.04
C GLU C 32 -15.49 -10.49 -11.99
N GLY C 33 -15.53 -11.04 -10.77
CA GLY C 33 -14.62 -10.59 -9.72
C GLY C 33 -15.21 -10.24 -8.35
N ASP C 34 -14.50 -9.42 -7.59
CA ASP C 34 -14.98 -9.01 -6.27
C ASP C 34 -15.68 -7.68 -6.22
N TRP C 35 -15.77 -7.02 -7.37
CA TRP C 35 -16.48 -5.76 -7.49
C TRP C 35 -17.67 -6.18 -8.28
N TRP C 36 -18.81 -6.25 -7.61
CA TRP C 36 -20.02 -6.68 -8.26
C TRP C 36 -20.75 -5.56 -8.96
N GLU C 37 -21.61 -5.95 -9.88
CA GLU C 37 -22.41 -5.01 -10.62
C GLU C 37 -23.74 -5.13 -9.92
N ALA C 38 -24.14 -4.05 -9.26
CA ALA C 38 -25.36 -3.99 -8.51
C ALA C 38 -26.31 -2.92 -9.03
N ARG C 39 -27.60 -3.10 -8.75
CA ARG C 39 -28.63 -2.17 -9.14
C ARG C 39 -29.28 -1.68 -7.85
N SER C 40 -29.31 -0.37 -7.65
CA SER C 40 -29.93 0.21 -6.47
C SER C 40 -31.44 0.03 -6.50
N LEU C 41 -31.99 -0.54 -5.44
CA LEU C 41 -33.43 -0.75 -5.37
C LEU C 41 -34.10 0.59 -5.14
N THR C 42 -33.36 1.50 -4.53
CA THR C 42 -33.89 2.81 -4.24
C THR C 42 -33.97 3.65 -5.51
N THR C 43 -32.85 3.82 -6.22
CA THR C 43 -32.85 4.64 -7.43
C THR C 43 -32.88 3.96 -8.78
N GLY C 44 -32.63 2.65 -8.84
CA GLY C 44 -32.61 1.95 -10.12
C GLY C 44 -31.31 2.19 -10.88
N GLU C 45 -30.35 2.78 -10.20
CA GLU C 45 -29.03 3.09 -10.73
C GLU C 45 -28.15 1.84 -10.66
N THR C 46 -27.42 1.54 -11.73
CA THR C 46 -26.54 0.35 -11.76
C THR C 46 -25.08 0.72 -11.73
N GLY C 47 -24.25 -0.12 -11.15
CA GLY C 47 -22.84 0.21 -11.11
C GLY C 47 -22.14 -0.83 -10.30
N TYR C 48 -20.83 -0.66 -10.14
CA TYR C 48 -20.00 -1.60 -9.41
C TYR C 48 -19.78 -1.23 -7.96
N ILE C 49 -19.97 -2.20 -7.09
CA ILE C 49 -19.81 -1.98 -5.68
C ILE C 49 -18.76 -2.94 -5.10
N PRO C 50 -18.12 -2.55 -3.99
CA PRO C 50 -17.11 -3.38 -3.33
C PRO C 50 -17.94 -4.43 -2.65
N SER C 51 -17.96 -5.64 -3.21
CA SER C 51 -18.77 -6.72 -2.65
C SER C 51 -18.64 -6.86 -1.15
N ASN C 52 -17.45 -6.58 -0.63
CA ASN C 52 -17.19 -6.68 0.82
C ASN C 52 -17.86 -5.58 1.64
N TYR C 53 -18.62 -4.72 0.99
CA TYR C 53 -19.32 -3.63 1.67
C TYR C 53 -20.79 -3.94 1.78
N VAL C 54 -21.21 -5.07 1.23
CA VAL C 54 -22.62 -5.42 1.30
C VAL C 54 -22.79 -6.81 1.90
N ALA C 55 -23.98 -7.09 2.43
CA ALA C 55 -24.30 -8.38 3.03
C ALA C 55 -25.72 -8.76 2.63
N PRO C 56 -26.02 -10.06 2.52
CA PRO C 56 -27.36 -10.50 2.14
C PRO C 56 -28.44 -9.91 3.03
N VAL C 57 -29.63 -9.75 2.47
CA VAL C 57 -30.77 -9.21 3.19
C VAL C 57 -31.52 -10.38 3.84
N ARG D 18 -14.72 0.33 8.24
CA ARG D 18 -14.83 0.42 6.78
C ARG D 18 -13.65 -0.37 6.18
N PRO D 19 -13.93 -1.54 5.60
CA PRO D 19 -12.93 -2.41 4.99
C PRO D 19 -12.18 -1.85 3.81
N GLN D 20 -10.95 -2.34 3.59
CA GLN D 20 -10.13 -1.93 2.46
C GLN D 20 -10.90 -2.46 1.27
N VAL D 21 -11.11 -1.61 0.28
CA VAL D 21 -11.88 -1.98 -0.89
C VAL D 21 -11.23 -3.09 -1.72
N PRO D 22 -12.03 -3.97 -2.33
CA PRO D 22 -11.43 -5.03 -3.14
C PRO D 22 -10.53 -4.46 -4.21
N LEU D 23 -9.40 -5.12 -4.41
CA LEU D 23 -8.39 -4.74 -5.37
C LEU D 23 -8.93 -4.92 -6.79
N ARG D 24 -8.52 -4.05 -7.70
CA ARG D 24 -8.94 -4.15 -9.09
C ARG D 24 -7.91 -3.44 -9.95
N PRO D 25 -7.85 -3.79 -11.24
CA PRO D 25 -6.89 -3.19 -12.16
C PRO D 25 -7.23 -1.75 -12.55
N MET D 26 -6.19 -0.94 -12.69
CA MET D 26 -6.35 0.44 -13.11
C MET D 26 -6.92 0.34 -14.53
N THR D 27 -7.69 1.34 -14.94
CA THR D 27 -8.24 1.33 -16.29
C THR D 27 -8.11 2.70 -16.91
N TYR D 28 -8.40 2.77 -18.21
CA TYR D 28 -8.36 4.01 -18.96
C TYR D 28 -9.43 4.92 -18.37
N LYS D 29 -10.63 4.37 -18.19
CA LYS D 29 -11.75 5.13 -17.67
C LYS D 29 -11.52 5.52 -16.23
N ALA D 30 -10.90 4.63 -15.45
CA ALA D 30 -10.62 4.91 -14.05
C ALA D 30 -9.54 5.97 -13.96
N ALA D 31 -8.56 5.92 -14.86
CA ALA D 31 -7.49 6.91 -14.86
C ALA D 31 -8.02 8.30 -15.27
N VAL D 32 -8.96 8.33 -16.22
CA VAL D 32 -9.55 9.61 -16.66
C VAL D 32 -10.40 10.26 -15.54
N ASP D 33 -11.20 9.46 -14.84
CA ASP D 33 -12.02 10.00 -13.76
C ASP D 33 -11.14 10.46 -12.62
N LEU D 34 -10.19 9.63 -12.20
CA LEU D 34 -9.27 9.99 -11.12
C LEU D 34 -8.53 11.27 -11.40
N SER D 35 -8.09 11.46 -12.66
CA SER D 35 -7.35 12.67 -13.02
C SER D 35 -8.23 13.89 -12.88
N HIS D 36 -9.45 13.81 -13.41
CA HIS D 36 -10.37 14.95 -13.35
C HIS D 36 -10.78 15.24 -11.93
N PHE D 37 -10.94 14.19 -11.13
CA PHE D 37 -11.30 14.31 -9.73
C PHE D 37 -10.21 15.08 -8.99
N LEU D 38 -8.97 14.63 -9.11
CA LEU D 38 -7.84 15.27 -8.44
C LEU D 38 -7.68 16.69 -8.95
N LYS D 39 -7.89 16.88 -10.24
CA LYS D 39 -7.76 18.19 -10.81
C LYS D 39 -8.77 19.08 -10.13
N GLU D 40 -10.00 18.59 -9.98
CA GLU D 40 -11.07 19.33 -9.32
C GLU D 40 -10.58 19.67 -7.93
N LYS D 41 -10.07 18.67 -7.20
CA LYS D 41 -9.56 18.83 -5.84
C LYS D 41 -8.43 19.86 -5.72
N GLY D 42 -7.82 20.18 -6.85
CA GLY D 42 -6.75 21.16 -6.86
C GLY D 42 -5.56 20.73 -6.03
N GLY D 43 -5.05 19.54 -6.29
CA GLY D 43 -3.91 19.07 -5.53
C GLY D 43 -2.59 18.98 -6.26
N LEU D 44 -2.43 17.91 -7.05
CA LEU D 44 -1.20 17.64 -7.79
C LEU D 44 -0.65 18.75 -8.66
N GLU D 45 -1.52 19.61 -9.17
CA GLU D 45 -1.09 20.66 -10.08
C GLU D 45 0.06 21.45 -9.52
N GLY D 46 1.14 21.51 -10.27
CA GLY D 46 2.29 22.26 -9.82
C GLY D 46 3.09 21.59 -8.71
N LEU D 47 2.43 20.84 -7.84
CA LEU D 47 3.13 20.18 -6.73
C LEU D 47 4.44 19.53 -7.15
N ILE D 48 5.50 19.77 -6.38
CA ILE D 48 6.78 19.17 -6.70
C ILE D 48 6.71 17.69 -6.37
N HIS D 49 7.14 16.89 -7.34
CA HIS D 49 7.11 15.44 -7.22
C HIS D 49 8.14 14.84 -6.30
N SER D 50 7.75 13.73 -5.68
CA SER D 50 8.63 12.97 -4.79
C SER D 50 8.05 11.56 -4.69
N GLN D 51 8.94 10.57 -4.63
CA GLN D 51 8.52 9.18 -4.52
C GLN D 51 7.59 9.05 -3.35
N ARG D 52 7.90 9.74 -2.27
CA ARG D 52 7.05 9.66 -1.09
C ARG D 52 5.66 10.25 -1.35
N ARG D 53 5.61 11.45 -1.91
CA ARG D 53 4.32 12.08 -2.20
C ARG D 53 3.49 11.21 -3.11
N GLN D 54 4.13 10.67 -4.13
CA GLN D 54 3.44 9.82 -5.06
C GLN D 54 3.00 8.51 -4.42
N ASP D 55 3.84 7.93 -3.57
CA ASP D 55 3.47 6.68 -2.92
C ASP D 55 2.29 6.98 -2.06
N ILE D 56 2.30 8.17 -1.46
CA ILE D 56 1.19 8.57 -0.62
C ILE D 56 -0.08 8.62 -1.48
N LEU D 57 0.02 9.21 -2.67
CA LEU D 57 -1.11 9.30 -3.59
C LEU D 57 -1.60 7.89 -3.89
N ASP D 58 -0.73 7.08 -4.50
CA ASP D 58 -1.02 5.68 -4.89
C ASP D 58 -1.67 4.88 -3.79
N LEU D 59 -1.18 5.06 -2.57
CA LEU D 59 -1.75 4.36 -1.43
C LEU D 59 -3.13 4.89 -1.17
N TRP D 60 -3.32 6.21 -1.27
CA TRP D 60 -4.66 6.77 -1.03
C TRP D 60 -5.65 6.18 -2.04
N ILE D 61 -5.29 6.24 -3.32
CA ILE D 61 -6.13 5.69 -4.39
C ILE D 61 -6.36 4.18 -4.13
N TYR D 62 -5.33 3.48 -3.68
CA TYR D 62 -5.44 2.06 -3.38
C TYR D 62 -6.43 1.80 -2.24
N HIS D 63 -6.28 2.54 -1.15
CA HIS D 63 -7.16 2.36 -0.01
C HIS D 63 -8.59 2.68 -0.36
N THR D 64 -8.75 3.85 -0.95
CA THR D 64 -10.03 4.41 -1.34
C THR D 64 -10.76 3.73 -2.50
N GLN D 65 -10.05 3.48 -3.60
CA GLN D 65 -10.68 2.91 -4.78
C GLN D 65 -10.32 1.50 -5.16
N GLY D 66 -9.27 0.93 -4.54
CA GLY D 66 -8.89 -0.44 -4.85
C GLY D 66 -7.98 -0.67 -6.05
N TYR D 67 -7.36 0.41 -6.52
CA TYR D 67 -6.49 0.30 -7.66
C TYR D 67 -5.09 0.07 -7.13
N PHE D 68 -4.61 -1.16 -7.30
CA PHE D 68 -3.27 -1.54 -6.83
C PHE D 68 -2.26 -0.47 -7.19
N PRO D 69 -1.50 0.01 -6.20
CA PRO D 69 -0.48 1.05 -6.35
C PRO D 69 0.75 0.78 -7.18
N ASP D 70 0.56 0.29 -8.40
CA ASP D 70 1.69 -0.02 -9.27
C ASP D 70 1.42 0.38 -10.71
N TRP D 71 0.61 1.42 -10.90
CA TRP D 71 0.23 1.81 -12.24
C TRP D 71 0.79 3.16 -12.62
N GLN D 72 1.00 4.01 -11.61
CA GLN D 72 1.48 5.36 -11.85
C GLN D 72 2.93 5.46 -12.22
N ASN D 73 3.33 4.77 -13.28
CA ASN D 73 4.72 4.83 -13.72
C ASN D 73 4.81 5.85 -14.83
N TYR D 74 5.90 6.63 -14.83
CA TYR D 74 6.13 7.63 -15.87
C TYR D 74 7.28 7.17 -16.75
N THR D 75 7.56 7.89 -17.84
CA THR D 75 8.65 7.51 -18.73
C THR D 75 9.96 8.02 -18.17
N PRO D 76 11.09 7.39 -18.59
CA PRO D 76 12.43 7.75 -18.14
C PRO D 76 12.79 9.14 -18.63
N GLY D 77 13.45 9.90 -17.77
CA GLY D 77 13.86 11.24 -18.15
C GLY D 77 15.12 11.28 -19.00
N PRO D 78 15.75 12.46 -19.09
CA PRO D 78 15.27 13.67 -18.44
C PRO D 78 14.16 14.29 -19.29
N GLY D 79 13.74 15.50 -18.94
CA GLY D 79 12.67 16.13 -19.68
C GLY D 79 11.34 15.76 -19.03
N VAL D 80 10.26 15.80 -19.80
CA VAL D 80 8.95 15.47 -19.28
C VAL D 80 8.79 13.96 -19.30
N ARG D 81 8.20 13.45 -18.22
CA ARG D 81 7.95 12.03 -18.04
C ARG D 81 6.48 11.80 -18.29
N TYR D 82 6.19 10.99 -19.31
CA TYR D 82 4.81 10.71 -19.67
C TYR D 82 4.30 9.46 -19.02
N PRO D 83 3.03 9.49 -18.56
CA PRO D 83 2.45 8.33 -17.91
C PRO D 83 2.27 7.17 -18.88
N LEU D 84 2.60 5.97 -18.41
CA LEU D 84 2.46 4.78 -19.21
C LEU D 84 0.99 4.37 -19.26
N THR D 85 0.26 4.67 -18.20
CA THR D 85 -1.16 4.36 -18.12
C THR D 85 -1.88 5.34 -19.02
N PHE D 86 -2.34 4.87 -20.18
CA PHE D 86 -3.06 5.72 -21.11
C PHE D 86 -4.34 6.10 -20.42
N GLY D 87 -4.61 7.40 -20.30
CA GLY D 87 -5.82 7.83 -19.66
C GLY D 87 -5.56 8.59 -18.39
N TRP D 88 -4.33 8.48 -17.87
CA TRP D 88 -3.95 9.21 -16.65
C TRP D 88 -3.50 10.54 -17.24
N CYS D 89 -4.20 11.61 -16.89
CA CYS D 89 -3.88 12.93 -17.46
C CYS D 89 -2.83 13.76 -16.76
N TYR D 90 -1.93 13.10 -16.02
CA TYR D 90 -0.85 13.83 -15.36
C TYR D 90 0.48 13.42 -15.94
N LYS D 91 1.32 14.40 -16.21
CA LYS D 91 2.65 14.18 -16.74
C LYS D 91 3.58 14.85 -15.73
N LEU D 92 4.87 14.54 -15.80
CA LEU D 92 5.84 15.14 -14.88
C LEU D 92 6.69 16.13 -15.65
N VAL D 93 6.62 17.40 -15.28
CA VAL D 93 7.37 18.42 -15.99
C VAL D 93 8.44 19.08 -15.13
N PRO D 94 9.71 18.98 -15.57
CA PRO D 94 10.83 19.58 -14.84
C PRO D 94 10.62 21.07 -14.64
N VAL D 95 10.56 21.48 -13.37
CA VAL D 95 10.36 22.86 -12.95
C VAL D 95 10.80 22.97 -11.49
N ARG D 125 19.38 14.45 -11.42
CA ARG D 125 17.96 14.34 -11.11
C ARG D 125 17.28 15.69 -11.28
N GLU D 126 16.24 15.74 -12.10
CA GLU D 126 15.52 16.99 -12.33
C GLU D 126 14.41 17.14 -11.32
N VAL D 127 14.12 18.37 -10.93
CA VAL D 127 13.02 18.63 -10.01
C VAL D 127 11.83 18.65 -10.96
N LEU D 128 10.87 17.76 -10.70
CA LEU D 128 9.67 17.62 -11.53
C LEU D 128 8.43 18.12 -10.80
N GLU D 129 7.45 18.57 -11.57
CA GLU D 129 6.16 19.04 -11.05
C GLU D 129 5.06 18.28 -11.77
N TRP D 130 4.03 17.89 -11.03
CA TRP D 130 2.90 17.17 -11.62
C TRP D 130 2.11 18.18 -12.44
N ARG D 131 1.95 17.91 -13.74
CA ARG D 131 1.23 18.80 -14.64
C ARG D 131 0.13 18.09 -15.39
N PHE D 132 -1.10 18.53 -15.17
CA PHE D 132 -2.28 17.97 -15.83
C PHE D 132 -2.24 18.31 -17.32
N ASP D 133 -2.63 17.34 -18.13
CA ASP D 133 -2.63 17.55 -19.56
C ASP D 133 -3.66 16.60 -20.10
N SER D 134 -4.85 17.13 -20.40
CA SER D 134 -5.93 16.31 -20.90
C SER D 134 -5.66 15.70 -22.25
N ARG D 135 -4.56 16.06 -22.89
CA ARG D 135 -4.31 15.44 -24.17
C ARG D 135 -3.75 14.03 -24.01
N LEU D 136 -3.31 13.70 -22.80
CA LEU D 136 -2.77 12.39 -22.50
C LEU D 136 -3.87 11.36 -22.53
N ALA D 137 -5.11 11.81 -22.38
CA ALA D 137 -6.26 10.91 -22.48
C ALA D 137 -6.56 10.67 -23.97
N PHE D 138 -5.89 11.43 -24.84
CA PHE D 138 -6.07 11.35 -26.30
C PHE D 138 -4.79 10.99 -27.10
N HIS D 139 -3.63 11.10 -26.48
CA HIS D 139 -2.36 10.77 -27.13
C HIS D 139 -1.51 9.94 -26.17
N HIS D 140 -1.34 8.65 -26.45
CA HIS D 140 -0.52 7.77 -25.60
C HIS D 140 0.95 8.00 -25.92
N VAL D 141 1.44 9.18 -25.59
CA VAL D 141 2.82 9.58 -25.83
C VAL D 141 3.84 8.51 -25.44
N ALA D 142 3.78 8.05 -24.20
CA ALA D 142 4.69 7.04 -23.66
C ALA D 142 4.83 5.79 -24.51
N ARG D 143 3.75 5.35 -25.13
CA ARG D 143 3.85 4.15 -25.96
C ARG D 143 4.59 4.42 -27.26
N GLU D 144 4.73 5.68 -27.62
CA GLU D 144 5.43 6.01 -28.84
C GLU D 144 6.90 6.16 -28.50
N LEU D 145 7.18 6.94 -27.45
CA LEU D 145 8.56 7.16 -27.01
C LEU D 145 9.15 5.83 -26.57
N HIS D 146 8.34 4.98 -25.97
CA HIS D 146 8.85 3.73 -25.50
C HIS D 146 7.86 2.62 -25.75
N PRO D 147 7.72 2.20 -27.01
CA PRO D 147 6.79 1.14 -27.38
C PRO D 147 7.11 -0.19 -26.70
N GLU D 148 8.35 -0.33 -26.26
CA GLU D 148 8.78 -1.55 -25.59
C GLU D 148 7.94 -1.88 -24.34
N TYR D 149 7.57 -0.85 -23.57
CA TYR D 149 6.79 -1.07 -22.36
C TYR D 149 5.46 -1.73 -22.64
N PHE D 150 5.00 -1.66 -23.88
CA PHE D 150 3.68 -2.20 -24.21
C PHE D 150 3.65 -3.41 -25.14
PB PBM E . 31.51 -10.00 8.89
C1 PBM E . 33.09 -10.47 7.53
C2 PBM E . 29.84 -11.30 9.06
C3 PBM E . 31.62 -8.23 10.06
PB PBM F . 4.33 0.85 -3.47
C1 PBM F . 4.31 2.70 -2.43
C2 PBM F . 5.28 0.71 -5.37
C3 PBM F . 3.42 -0.87 -2.61
#